data_7XD5
#
_entry.id   7XD5
#
_cell.length_a   1.00
_cell.length_b   1.00
_cell.length_c   1.00
_cell.angle_alpha   90.00
_cell.angle_beta   90.00
_cell.angle_gamma   90.00
#
_symmetry.space_group_name_H-M   'P 1'
#
loop_
_entity.id
_entity.type
_entity.pdbx_description
1 polymer "The Tet-S2 state molecule of co-transcriptional folded wild-type Tetrahymena group I intron with 30nt 3'/5'-exon (intron and 3'-exon)"
2 polymer "The Tet-S2 state molecule of co-transcriptional folded wild-type Tetrahymena group I intron with 30nt 3'/5'-exon (5'-exon)"
3 non-polymer SPERMIDINE
4 non-polymer 'MAGNESIUM ION'
#
loop_
_entity_poly.entity_id
_entity_poly.type
_entity_poly.pdbx_seq_one_letter_code
_entity_poly.pdbx_strand_id
1 'polyribonucleotide'
;UUUGGAGGGAAAAGUUAUCAGGCAUGCACCUGGUAGCUAGUCUUUAAACCAAUAGAUUGCAUCGGUUUAAAAGGCAAGAC
CGUCAAAUUGCGGGAAAGGGGUCAACAGCCGUUCAGUACCAAGUCUCAGGGGAAACUUUGAGAUGGCCUUGCAAAGGGUA
UGGUAAUAAGCUGACGGACAUGGUCCUAACCACGCAGCCAAGUCCUAAGUCAACAGAUCUUCUGUUGAUAUGGAUGCAGU
UCACAGACUAAAUGUCGGUCGGGGAAGAUGUAUUCUUCUCAUAAGAUAUAGUCGGACCUCUCCUUAAUGGGAGCUAGCGG
AUGAAGUGAUGCAACACUGGAGCCGCUGGGAACUAAUUUGUAUGCGAAAGUAUAUUGAUUAGUUUUGGAGUACUCGUAAG
;
N
2 'polyribonucleotide' CUCUCU A
#